data_6L36
#
_entry.id   6L36
#
_cell.length_a   60.773
_cell.length_b   102.550
_cell.length_c   62.087
_cell.angle_alpha   90.000
_cell.angle_beta   97.860
_cell.angle_gamma   90.000
#
_symmetry.space_group_name_H-M   'P 1 21 1'
#
loop_
_entity.id
_entity.type
_entity.pdbx_description
1 polymer 'Peroxisome proliferator-activated receptor alpha'
2 non-polymer 2-chloro-5-nitro-N-phenylbenzamide
3 non-polymer '2-[4-(4-chlorobenzene-1-carbonyl)phenoxy]-2-methylpropanoic acid'
#
_entity_poly.entity_id   1
_entity_poly.type   'polypeptide(L)'
_entity_poly.pdbx_seq_one_letter_code
;GSHMTADLKSLAKRIYEAYLKNFNMNKVKARVILSGKASNNPPFVIHDMETLCMAEKTLVAKLVANGIQNKEAEVRIFHC
CQCTSVETVTELTEFAKAIPGFANLDLNDQVTLLKYGVYEAIFAMLSSVMNKDGMLVAYGNGFITREFLKSLRKPFCDIM
EPKFDFAMKFNALELDDSDISLFVAAIICCGDRPGLLNVGHIEKMQEGIVHVLRLHLQSNHPDDIFLFPKLLQKMADLRQ
LVTEHAQLVQIIKKTESDAALHPLLQEIYRDMY
;
_entity_poly.pdbx_strand_id   A,B
#
# COMPACT_ATOMS: atom_id res chain seq x y z
N THR A 5 10.09 -20.96 4.90
CA THR A 5 11.01 -22.03 4.53
C THR A 5 11.89 -22.42 5.71
N ALA A 6 13.19 -22.48 5.50
CA ALA A 6 14.13 -22.91 6.53
C ALA A 6 15.54 -22.43 6.21
N ASP A 7 16.06 -22.87 5.06
CA ASP A 7 17.35 -22.37 4.61
C ASP A 7 17.30 -20.87 4.33
N LEU A 8 16.21 -20.41 3.68
CA LEU A 8 16.03 -18.99 3.46
C LEU A 8 15.99 -18.24 4.78
N LYS A 9 15.11 -18.65 5.69
CA LYS A 9 15.00 -18.00 7.00
C LYS A 9 16.35 -17.93 7.70
N SER A 10 17.25 -18.88 7.41
CA SER A 10 18.61 -18.79 7.93
C SER A 10 19.35 -17.62 7.29
N LEU A 11 19.25 -17.49 5.96
CA LEU A 11 19.86 -16.35 5.28
C LEU A 11 19.28 -15.04 5.78
N ALA A 12 17.95 -14.96 5.85
CA ALA A 12 17.31 -13.75 6.36
C ALA A 12 17.81 -13.43 7.78
N LYS A 13 18.05 -14.46 8.59
CA LYS A 13 18.60 -14.23 9.92
C LYS A 13 20.08 -13.86 9.84
N ARG A 14 20.84 -14.56 8.99
CA ARG A 14 22.25 -14.22 8.81
C ARG A 14 22.43 -12.76 8.43
N ILE A 15 21.50 -12.20 7.64
CA ILE A 15 21.57 -10.79 7.29
C ILE A 15 21.24 -9.91 8.50
N TYR A 16 20.11 -10.19 9.16
CA TYR A 16 19.73 -9.45 10.35
C TYR A 16 20.88 -9.38 11.34
N GLU A 17 21.53 -10.52 11.60
CA GLU A 17 22.62 -10.54 12.57
C GLU A 17 23.76 -9.63 12.14
N ALA A 18 24.08 -9.62 10.84
CA ALA A 18 25.09 -8.69 10.34
C ALA A 18 24.62 -7.25 10.49
N TYR A 19 23.31 -7.02 10.40
CA TYR A 19 22.78 -5.67 10.57
C TYR A 19 23.03 -5.16 11.99
N LEU A 20 22.54 -5.92 12.99
CA LEU A 20 22.75 -5.52 14.37
C LEU A 20 24.23 -5.42 14.72
N LYS A 21 25.04 -6.31 14.16
CA LYS A 21 26.46 -6.34 14.50
C LYS A 21 27.17 -5.06 14.07
N ASN A 22 26.94 -4.63 12.83
CA ASN A 22 27.73 -3.54 12.25
C ASN A 22 27.17 -2.16 12.60
N PHE A 23 25.86 -1.98 12.55
CA PHE A 23 25.25 -0.67 12.76
C PHE A 23 24.91 -0.51 14.24
N ASN A 24 25.65 0.37 14.91
CA ASN A 24 25.47 0.57 16.35
C ASN A 24 24.10 1.14 16.68
N MET A 25 23.45 1.83 15.75
CA MET A 25 22.17 2.50 15.98
C MET A 25 21.10 1.81 15.15
N ASN A 26 20.36 0.90 15.78
CA ASN A 26 19.26 0.22 15.13
C ASN A 26 17.94 0.92 15.46
N LYS A 27 16.87 0.44 14.82
CA LYS A 27 15.57 1.10 14.99
C LYS A 27 14.96 0.81 16.36
N VAL A 28 15.29 -0.33 16.96
CA VAL A 28 14.79 -0.62 18.31
C VAL A 28 15.45 0.29 19.33
N LYS A 29 16.78 0.30 19.35
CA LYS A 29 17.51 1.14 20.28
C LYS A 29 17.19 2.61 20.12
N ALA A 30 16.68 3.02 18.95
CA ALA A 30 16.38 4.42 18.68
C ALA A 30 14.95 4.78 19.06
N ARG A 31 13.97 3.95 18.68
CA ARG A 31 12.58 4.26 18.98
C ARG A 31 12.31 4.26 20.48
N VAL A 32 13.19 3.66 21.28
CA VAL A 32 12.99 3.66 22.72
C VAL A 32 13.49 4.95 23.35
N ILE A 33 14.54 5.55 22.81
CA ILE A 33 14.97 6.86 23.26
C ILE A 33 13.92 7.91 22.91
N LEU A 34 13.44 7.89 21.67
CA LEU A 34 12.43 8.87 21.25
C LEU A 34 11.13 8.69 22.02
N SER A 35 10.86 7.48 22.51
CA SER A 35 9.70 7.25 23.35
C SER A 35 9.91 7.72 24.78
N GLY A 36 11.15 7.78 25.24
CA GLY A 36 11.43 8.20 26.60
C GLY A 36 10.83 7.33 27.66
N LYS A 37 10.44 6.09 27.32
CA LYS A 37 9.81 5.18 28.25
C LYS A 37 10.81 4.32 29.01
N ALA A 38 12.11 4.47 28.75
CA ALA A 38 13.14 3.68 29.41
C ALA A 38 14.04 4.51 30.30
N SER A 39 13.88 5.83 30.32
CA SER A 39 14.74 6.69 31.11
C SER A 39 14.15 8.09 31.13
N ASN A 40 14.56 8.85 32.15
CA ASN A 40 14.13 10.24 32.30
C ASN A 40 15.21 11.23 31.87
N ASN A 41 16.29 10.74 31.26
CA ASN A 41 17.40 11.58 30.82
C ASN A 41 17.35 11.72 29.30
N PRO A 42 16.53 12.62 28.77
CA PRO A 42 16.39 12.74 27.32
C PRO A 42 17.64 13.30 26.69
N PRO A 43 17.84 13.08 25.39
CA PRO A 43 19.02 13.64 24.72
C PRO A 43 18.96 15.16 24.70
N PHE A 44 20.14 15.77 24.59
CA PHE A 44 20.24 17.22 24.56
C PHE A 44 19.57 17.75 23.29
N VAL A 45 18.59 18.62 23.44
CA VAL A 45 17.83 19.14 22.32
C VAL A 45 18.59 20.31 21.69
N ILE A 46 18.85 20.21 20.39
CA ILE A 46 19.50 21.27 19.62
C ILE A 46 18.43 21.91 18.74
N HIS A 47 17.99 23.11 19.12
CA HIS A 47 16.90 23.78 18.43
C HIS A 47 17.24 25.16 17.88
N ASP A 48 18.30 25.80 18.36
CA ASP A 48 18.69 27.11 17.89
C ASP A 48 20.22 27.20 17.87
N MET A 49 20.74 28.41 17.65
CA MET A 49 22.18 28.59 17.57
C MET A 49 22.85 28.47 18.94
N GLU A 50 22.15 28.84 20.01
CA GLU A 50 22.73 28.72 21.34
C GLU A 50 22.92 27.27 21.72
N THR A 51 21.86 26.45 21.60
CA THR A 51 21.97 25.04 21.94
C THR A 51 23.04 24.35 21.09
N LEU A 52 23.16 24.74 19.82
CA LEU A 52 24.18 24.15 18.95
C LEU A 52 25.57 24.40 19.51
N CYS A 53 25.91 25.66 19.77
CA CYS A 53 27.24 25.98 20.27
C CYS A 53 27.50 25.36 21.63
N MET A 54 26.45 25.14 22.43
CA MET A 54 26.61 24.40 23.66
C MET A 54 27.12 22.99 23.38
N ALA A 55 26.33 22.21 22.62
CA ALA A 55 26.75 20.86 22.27
C ALA A 55 28.11 20.85 21.61
N GLU A 56 28.37 21.83 20.73
CA GLU A 56 29.68 21.90 20.09
C GLU A 56 30.79 22.06 21.13
N LYS A 57 30.47 22.62 22.30
CA LYS A 57 31.45 22.72 23.37
C LYS A 57 32.00 21.35 23.75
N THR A 58 31.21 20.29 23.54
CA THR A 58 31.69 18.94 23.83
C THR A 58 32.75 18.52 22.83
N LEU A 59 32.54 18.81 21.54
CA LEU A 59 33.47 18.42 20.49
C LEU A 59 34.49 19.49 20.17
N VAL A 60 34.78 20.38 21.12
CA VAL A 60 35.79 21.42 20.87
C VAL A 60 37.11 20.80 20.45
N ALA A 61 37.40 19.58 20.92
CA ALA A 61 38.60 18.88 20.49
C ALA A 61 38.57 18.65 18.99
N LYS A 62 37.58 17.89 18.50
CA LYS A 62 37.50 17.59 17.08
C LYS A 62 37.26 18.85 16.23
N LEU A 63 36.82 19.94 16.85
CA LEU A 63 36.55 21.17 16.11
C LEU A 63 37.79 22.05 15.96
N VAL A 64 38.63 22.11 17.00
CA VAL A 64 39.84 22.93 16.93
C VAL A 64 40.82 22.34 15.92
N ALA A 65 41.27 21.10 16.17
CA ALA A 65 42.24 20.47 15.29
C ALA A 65 41.76 20.34 13.86
N ASN A 66 40.47 20.51 13.60
CA ASN A 66 39.92 20.45 12.25
C ASN A 66 39.82 21.80 11.57
N GLY A 67 40.08 22.90 12.28
CA GLY A 67 40.04 24.22 11.71
C GLY A 67 38.65 24.83 11.56
N ILE A 68 37.59 24.07 11.83
CA ILE A 68 36.23 24.58 11.74
C ILE A 68 36.07 25.72 12.74
N GLN A 69 35.72 25.36 13.98
CA GLN A 69 35.60 26.31 15.09
C GLN A 69 34.98 27.63 14.66
N ASN A 70 35.80 28.53 14.12
CA ASN A 70 35.33 29.86 13.73
C ASN A 70 34.54 29.86 12.43
N LYS A 71 34.44 28.73 11.73
CA LYS A 71 33.67 28.68 10.50
C LYS A 71 32.20 28.99 10.79
N GLU A 72 31.44 29.17 9.71
CA GLU A 72 30.04 29.53 9.83
C GLU A 72 29.27 28.45 10.58
N ALA A 73 28.09 28.82 11.06
CA ALA A 73 27.30 27.90 11.88
C ALA A 73 26.86 26.68 11.10
N GLU A 74 26.33 26.89 9.89
CA GLU A 74 25.87 25.75 9.08
C GLU A 74 27.03 24.87 8.66
N VAL A 75 28.13 25.48 8.21
CA VAL A 75 29.28 24.70 7.75
C VAL A 75 29.75 23.76 8.86
N ARG A 76 29.74 24.24 10.11
CA ARG A 76 30.15 23.39 11.22
C ARG A 76 29.26 22.17 11.35
N ILE A 77 27.94 22.38 11.31
CA ILE A 77 26.97 21.29 11.42
C ILE A 77 27.30 20.21 10.40
N PHE A 78 27.11 20.53 9.12
CA PHE A 78 27.32 19.56 8.06
C PHE A 78 28.78 19.23 7.81
N HIS A 79 29.71 19.75 8.61
CA HIS A 79 31.09 19.31 8.52
C HIS A 79 31.30 18.03 9.32
N CYS A 80 30.78 17.99 10.54
CA CYS A 80 30.77 16.75 11.31
C CYS A 80 29.75 15.77 10.78
N CYS A 81 28.64 16.26 10.23
CA CYS A 81 27.64 15.38 9.64
C CYS A 81 28.25 14.49 8.58
N GLN A 82 29.28 14.96 7.87
CA GLN A 82 29.96 14.13 6.89
C GLN A 82 30.67 12.96 7.55
N CYS A 83 31.35 13.21 8.68
CA CYS A 83 32.07 12.14 9.35
C CYS A 83 31.15 11.00 9.73
N THR A 84 29.90 11.30 10.06
CA THR A 84 28.91 10.26 10.32
C THR A 84 28.78 9.32 9.12
N SER A 85 28.40 9.89 7.97
CA SER A 85 28.17 9.06 6.78
C SER A 85 29.41 8.26 6.41
N VAL A 86 30.59 8.87 6.55
CA VAL A 86 31.83 8.13 6.28
C VAL A 86 31.87 6.87 7.15
N GLU A 87 31.43 6.97 8.40
CA GLU A 87 31.37 5.80 9.27
C GLU A 87 30.28 4.83 8.81
N THR A 88 29.09 5.35 8.48
CA THR A 88 28.02 4.49 8.01
C THR A 88 28.40 3.78 6.72
N VAL A 89 29.18 4.43 5.85
CA VAL A 89 29.66 3.76 4.65
C VAL A 89 30.55 2.59 5.01
N THR A 90 31.47 2.80 5.95
CA THR A 90 32.34 1.70 6.40
C THR A 90 31.51 0.56 6.96
N GLU A 91 30.62 0.85 7.91
CA GLU A 91 29.74 -0.18 8.45
C GLU A 91 28.97 -0.87 7.34
N LEU A 92 28.52 -0.09 6.34
CA LEU A 92 27.82 -0.69 5.21
C LEU A 92 28.75 -1.58 4.38
N THR A 93 29.99 -1.12 4.16
CA THR A 93 30.93 -1.94 3.42
C THR A 93 31.15 -3.28 4.08
N GLU A 94 31.19 -3.31 5.42
CA GLU A 94 31.33 -4.57 6.13
C GLU A 94 30.03 -5.36 6.10
N PHE A 95 28.90 -4.69 6.29
CA PHE A 95 27.60 -5.36 6.19
C PHE A 95 27.44 -6.10 4.87
N ALA A 96 28.08 -5.60 3.81
CA ALA A 96 27.98 -6.23 2.51
C ALA A 96 28.63 -7.61 2.48
N LYS A 97 29.60 -7.87 3.36
CA LYS A 97 30.23 -9.19 3.40
C LYS A 97 29.19 -10.28 3.61
N ALA A 98 28.26 -10.07 4.55
CA ALA A 98 27.29 -11.11 4.88
C ALA A 98 26.37 -11.44 3.72
N ILE A 99 26.24 -10.55 2.74
CA ILE A 99 25.38 -10.79 1.58
C ILE A 99 25.93 -11.99 0.80
N PRO A 100 25.13 -13.03 0.59
CA PRO A 100 25.63 -14.21 -0.14
C PRO A 100 26.06 -13.84 -1.55
N GLY A 101 27.30 -14.19 -1.89
CA GLY A 101 27.84 -13.94 -3.21
C GLY A 101 28.51 -12.59 -3.39
N PHE A 102 28.28 -11.65 -2.48
CA PHE A 102 28.83 -10.31 -2.65
C PHE A 102 30.36 -10.35 -2.63
N ALA A 103 30.95 -10.93 -1.59
CA ALA A 103 32.40 -10.95 -1.48
C ALA A 103 33.04 -11.64 -2.69
N ASN A 104 32.31 -12.52 -3.36
CA ASN A 104 32.83 -13.21 -4.53
C ASN A 104 32.83 -12.36 -5.79
N LEU A 105 31.99 -11.33 -5.84
CA LEU A 105 31.92 -10.48 -7.02
C LEU A 105 33.29 -9.89 -7.35
N ASP A 106 33.43 -9.45 -8.59
CA ASP A 106 34.64 -8.76 -8.98
C ASP A 106 34.84 -7.52 -8.11
N LEU A 107 36.08 -7.30 -7.69
CA LEU A 107 36.36 -6.18 -6.79
C LEU A 107 35.85 -4.86 -7.34
N ASN A 108 35.82 -4.72 -8.67
CA ASN A 108 35.27 -3.51 -9.27
C ASN A 108 33.77 -3.43 -9.06
N ASP A 109 33.07 -4.53 -9.31
CA ASP A 109 31.62 -4.55 -9.15
C ASP A 109 31.23 -4.29 -7.68
N GLN A 110 32.03 -4.81 -6.75
CA GLN A 110 31.75 -4.54 -5.34
C GLN A 110 31.74 -3.05 -5.04
N VAL A 111 32.80 -2.35 -5.44
CA VAL A 111 32.88 -0.92 -5.20
C VAL A 111 31.75 -0.18 -5.89
N THR A 112 31.42 -0.59 -7.12
CA THR A 112 30.34 0.07 -7.85
C THR A 112 29.01 -0.06 -7.11
N LEU A 113 28.71 -1.26 -6.61
CA LEU A 113 27.50 -1.44 -5.81
C LEU A 113 27.51 -0.51 -4.61
N LEU A 114 28.59 -0.52 -3.83
CA LEU A 114 28.66 0.32 -2.64
C LEU A 114 28.77 1.80 -2.98
N LYS A 115 29.06 2.14 -4.23
CA LYS A 115 29.15 3.54 -4.62
C LYS A 115 27.77 4.16 -4.80
N TYR A 116 26.92 3.53 -5.62
CA TYR A 116 25.59 4.04 -5.91
C TYR A 116 24.53 3.57 -4.92
N GLY A 117 24.91 2.77 -3.91
CA GLY A 117 23.93 2.22 -3.01
C GLY A 117 24.01 2.73 -1.58
N VAL A 118 25.22 3.07 -1.13
CA VAL A 118 25.41 3.44 0.28
C VAL A 118 24.43 4.53 0.68
N TYR A 119 24.41 5.64 -0.06
CA TYR A 119 23.56 6.77 0.33
C TYR A 119 22.08 6.42 0.21
N GLU A 120 21.72 5.49 -0.67
CA GLU A 120 20.34 5.03 -0.69
C GLU A 120 19.99 4.26 0.57
N ALA A 121 20.98 3.57 1.16
CA ALA A 121 20.75 2.87 2.42
C ALA A 121 20.84 3.83 3.61
N ILE A 122 21.80 4.77 3.57
CA ILE A 122 21.95 5.72 4.67
C ILE A 122 20.65 6.46 4.92
N PHE A 123 20.03 6.97 3.85
CA PHE A 123 18.77 7.69 4.01
C PHE A 123 17.65 6.77 4.48
N ALA A 124 17.62 5.54 3.98
CA ALA A 124 16.64 4.57 4.47
C ALA A 124 16.79 4.36 5.97
N MET A 125 17.98 3.92 6.40
CA MET A 125 18.22 3.72 7.82
C MET A 125 18.08 5.02 8.59
N LEU A 126 18.42 6.16 7.97
CA LEU A 126 18.29 7.44 8.65
C LEU A 126 16.86 7.71 9.12
N SER A 127 15.88 7.04 8.52
CA SER A 127 14.50 7.21 8.96
C SER A 127 14.29 6.65 10.37
N SER A 128 15.04 5.62 10.73
CA SER A 128 14.83 4.96 12.02
C SER A 128 15.07 5.90 13.19
N VAL A 129 15.83 6.98 13.00
CA VAL A 129 16.16 7.92 14.07
C VAL A 129 15.46 9.25 13.90
N MET A 130 14.48 9.34 13.00
CA MET A 130 13.74 10.56 12.76
C MET A 130 12.32 10.45 13.27
N ASN A 131 11.67 11.60 13.38
CA ASN A 131 10.23 11.69 13.61
C ASN A 131 9.74 12.95 12.92
N LYS A 132 8.51 13.35 13.22
CA LYS A 132 7.96 14.55 12.59
C LYS A 132 8.61 15.83 13.09
N ASP A 133 9.53 15.75 14.04
CA ASP A 133 10.09 16.95 14.66
C ASP A 133 11.62 17.03 14.62
N GLY A 134 12.32 15.93 14.48
CA GLY A 134 13.77 15.99 14.45
C GLY A 134 14.37 14.61 14.28
N MET A 135 15.67 14.50 14.61
CA MET A 135 16.37 13.24 14.51
C MET A 135 17.39 13.12 15.63
N LEU A 136 17.71 11.89 15.98
CA LEU A 136 18.74 11.62 16.98
C LEU A 136 20.12 11.85 16.40
N VAL A 137 21.04 12.27 17.27
CA VAL A 137 22.42 12.52 16.91
C VAL A 137 23.33 12.08 18.05
N ALA A 138 24.57 11.74 17.69
CA ALA A 138 25.58 11.32 18.67
C ALA A 138 25.15 10.04 19.38
N TYR A 139 24.85 9.01 18.59
CA TYR A 139 24.40 7.72 19.10
C TYR A 139 23.26 7.88 20.10
N GLY A 140 22.29 8.71 19.75
CA GLY A 140 21.12 8.93 20.56
C GLY A 140 21.27 9.95 21.67
N ASN A 141 22.48 10.47 21.90
CA ASN A 141 22.68 11.43 22.99
C ASN A 141 22.15 12.82 22.65
N GLY A 142 21.89 13.10 21.38
CA GLY A 142 21.39 14.40 20.98
C GLY A 142 20.20 14.28 20.05
N PHE A 143 19.39 15.33 20.03
CA PHE A 143 18.21 15.40 19.18
C PHE A 143 18.17 16.80 18.56
N ILE A 144 18.50 16.89 17.28
CA ILE A 144 18.49 18.16 16.55
C ILE A 144 17.11 18.34 15.94
N THR A 145 16.46 19.46 16.26
CA THR A 145 15.09 19.68 15.81
C THR A 145 15.04 19.87 14.30
N ARG A 146 13.86 19.58 13.73
CA ARG A 146 13.69 19.71 12.29
C ARG A 146 13.56 21.17 11.88
N GLU A 147 12.90 21.99 12.70
CA GLU A 147 12.72 23.39 12.36
C GLU A 147 14.05 24.13 12.35
N PHE A 148 14.95 23.80 13.28
CA PHE A 148 16.27 24.43 13.29
C PHE A 148 17.02 24.14 11.99
N LEU A 149 16.83 22.96 11.41
CA LEU A 149 17.47 22.64 10.15
C LEU A 149 16.89 23.47 9.01
N LYS A 150 15.56 23.63 8.99
CA LYS A 150 14.93 24.49 8.00
C LYS A 150 15.23 25.96 8.22
N SER A 151 15.82 26.33 9.36
CA SER A 151 16.12 27.72 9.67
C SER A 151 17.50 28.15 9.18
N LEU A 152 18.40 27.21 8.92
CA LEU A 152 19.70 27.56 8.39
C LEU A 152 19.56 28.33 7.08
N ARG A 153 20.61 29.07 6.73
CA ARG A 153 20.61 29.78 5.45
C ARG A 153 20.70 28.78 4.30
N LYS A 154 20.10 29.15 3.18
CA LYS A 154 20.18 28.30 1.99
C LYS A 154 21.64 28.19 1.56
N PRO A 155 22.01 27.07 0.91
CA PRO A 155 21.12 25.94 0.61
C PRO A 155 21.10 24.87 1.70
N PHE A 156 21.76 25.15 2.83
CA PHE A 156 21.88 24.14 3.88
C PHE A 156 20.52 23.76 4.45
N CYS A 157 19.53 24.66 4.38
CA CYS A 157 18.20 24.36 4.85
C CYS A 157 17.42 23.47 3.88
N ASP A 158 17.98 23.17 2.71
CA ASP A 158 17.36 22.27 1.75
C ASP A 158 17.99 20.88 1.77
N ILE A 159 18.91 20.62 2.68
CA ILE A 159 19.62 19.34 2.69
C ILE A 159 18.83 18.28 3.42
N MET A 160 18.37 18.58 4.63
CA MET A 160 17.76 17.56 5.48
C MET A 160 16.25 17.48 5.35
N GLU A 161 15.57 18.60 5.09
CA GLU A 161 14.11 18.55 4.96
C GLU A 161 13.63 17.50 3.96
N PRO A 162 14.25 17.32 2.79
CA PRO A 162 13.82 16.23 1.91
C PRO A 162 13.88 14.87 2.58
N LYS A 163 14.92 14.60 3.36
CA LYS A 163 15.03 13.31 4.03
C LYS A 163 13.95 13.13 5.08
N PHE A 164 13.58 14.21 5.77
CA PHE A 164 12.50 14.13 6.75
C PHE A 164 11.19 13.73 6.07
N ASP A 165 10.93 14.26 4.88
CA ASP A 165 9.72 13.88 4.15
C ASP A 165 9.70 12.39 3.86
N PHE A 166 10.84 11.83 3.42
CA PHE A 166 10.90 10.41 3.14
C PHE A 166 10.72 9.59 4.42
N ALA A 167 11.39 9.99 5.50
CA ALA A 167 11.36 9.20 6.74
C ALA A 167 9.97 9.15 7.34
N MET A 168 9.14 10.18 7.10
CA MET A 168 7.80 10.19 7.68
C MET A 168 6.89 9.19 6.98
N LYS A 169 6.90 9.19 5.65
CA LYS A 169 6.10 8.21 4.91
C LYS A 169 6.70 6.82 5.02
N PHE A 170 8.03 6.72 5.04
CA PHE A 170 8.67 5.42 5.13
C PHE A 170 8.45 4.79 6.50
N ASN A 171 8.59 5.58 7.57
CA ASN A 171 8.32 5.07 8.91
C ASN A 171 6.89 4.57 9.05
N ALA A 172 5.97 5.16 8.29
CA ALA A 172 4.57 4.75 8.35
C ALA A 172 4.34 3.29 8.01
N LEU A 173 5.34 2.61 7.43
CA LEU A 173 5.21 1.21 7.08
C LEU A 173 5.36 0.27 8.27
N GLU A 174 5.81 0.78 9.43
CA GLU A 174 5.89 -0.02 10.65
C GLU A 174 6.95 -1.10 10.56
N LEU A 175 8.05 -0.85 9.84
CA LEU A 175 9.09 -1.85 9.70
C LEU A 175 9.91 -1.97 10.99
N ASP A 176 10.53 -3.13 11.16
CA ASP A 176 11.49 -3.38 12.23
C ASP A 176 12.84 -3.70 11.61
N ASP A 177 13.89 -3.61 12.44
CA ASP A 177 15.22 -3.98 11.97
C ASP A 177 15.21 -5.32 11.25
N SER A 178 14.34 -6.24 11.67
CA SER A 178 14.22 -7.51 10.99
C SER A 178 14.07 -7.33 9.47
N ASP A 179 13.30 -6.33 9.05
CA ASP A 179 13.07 -6.10 7.63
C ASP A 179 14.11 -5.18 7.01
N ILE A 180 14.36 -4.04 7.65
CA ILE A 180 15.31 -3.07 7.13
C ILE A 180 16.64 -3.73 6.76
N SER A 181 17.09 -4.67 7.59
CA SER A 181 18.32 -5.40 7.30
C SER A 181 18.26 -6.00 5.89
N LEU A 182 17.18 -6.70 5.57
CA LEU A 182 17.03 -7.25 4.24
C LEU A 182 16.82 -6.15 3.20
N PHE A 183 16.05 -5.11 3.55
CA PHE A 183 15.81 -4.02 2.62
C PHE A 183 17.12 -3.35 2.23
N VAL A 184 18.00 -3.09 3.19
CA VAL A 184 19.28 -2.47 2.89
C VAL A 184 20.14 -3.42 2.06
N ALA A 185 20.05 -4.72 2.31
CA ALA A 185 20.80 -5.68 1.52
C ALA A 185 20.41 -5.63 0.05
N ALA A 186 19.10 -5.58 -0.22
CA ALA A 186 18.63 -5.50 -1.60
C ALA A 186 19.12 -4.23 -2.29
N ILE A 187 19.15 -3.12 -1.55
CA ILE A 187 19.62 -1.86 -2.13
C ILE A 187 21.05 -2.01 -2.64
N ILE A 188 21.88 -2.75 -1.90
CA ILE A 188 23.28 -2.89 -2.30
C ILE A 188 23.41 -3.83 -3.49
N CYS A 189 22.50 -4.79 -3.66
CA CYS A 189 22.56 -5.76 -4.74
C CYS A 189 21.76 -5.34 -5.96
N CYS A 190 21.56 -4.04 -6.17
CA CYS A 190 20.83 -3.57 -7.34
C CYS A 190 21.68 -3.79 -8.59
N GLY A 191 21.18 -4.62 -9.51
CA GLY A 191 21.85 -4.85 -10.77
C GLY A 191 21.68 -3.76 -11.79
N ASP A 192 21.18 -2.60 -11.38
CA ASP A 192 20.89 -1.48 -12.27
C ASP A 192 22.00 -0.42 -12.26
N ARG A 193 22.99 -0.57 -11.40
CA ARG A 193 24.02 0.46 -11.26
C ARG A 193 24.82 0.60 -12.55
N PRO A 194 25.21 1.81 -12.91
CA PRO A 194 26.03 1.99 -14.12
C PRO A 194 27.43 1.43 -13.94
N GLY A 195 27.95 0.83 -15.00
CA GLY A 195 29.30 0.30 -15.01
C GLY A 195 29.45 -1.12 -14.52
N LEU A 196 28.36 -1.78 -14.15
CA LEU A 196 28.45 -3.16 -13.69
C LEU A 196 28.95 -4.06 -14.82
N LEU A 197 29.94 -4.91 -14.51
CA LEU A 197 30.51 -5.80 -15.51
C LEU A 197 29.67 -7.06 -15.66
N ASN A 198 29.56 -7.86 -14.60
CA ASN A 198 28.80 -9.11 -14.63
C ASN A 198 27.36 -8.84 -14.21
N VAL A 199 26.62 -8.20 -15.13
CA VAL A 199 25.23 -7.84 -14.84
C VAL A 199 24.40 -9.10 -14.58
N GLY A 200 24.68 -10.17 -15.32
CA GLY A 200 23.93 -11.41 -15.13
C GLY A 200 24.15 -12.01 -13.75
N HIS A 201 25.42 -12.09 -13.32
CA HIS A 201 25.72 -12.66 -12.03
C HIS A 201 25.05 -11.87 -10.90
N ILE A 202 25.19 -10.55 -10.93
CA ILE A 202 24.65 -9.72 -9.85
C ILE A 202 23.14 -9.88 -9.77
N GLU A 203 22.45 -9.82 -10.91
CA GLU A 203 21.00 -9.92 -10.89
C GLU A 203 20.54 -11.21 -10.22
N LYS A 204 21.21 -12.32 -10.49
CA LYS A 204 20.91 -13.55 -9.77
C LYS A 204 21.06 -13.34 -8.28
N MET A 205 22.15 -12.69 -7.86
CA MET A 205 22.38 -12.45 -6.44
C MET A 205 21.27 -11.59 -5.85
N GLN A 206 20.88 -10.52 -6.54
CA GLN A 206 19.81 -9.67 -6.03
C GLN A 206 18.50 -10.44 -5.91
N GLU A 207 18.16 -11.23 -6.94
CA GLU A 207 16.90 -11.96 -6.92
C GLU A 207 16.81 -12.87 -5.69
N GLY A 208 17.95 -13.39 -5.23
CA GLY A 208 17.93 -14.16 -3.99
C GLY A 208 17.54 -13.32 -2.79
N ILE A 209 18.16 -12.15 -2.65
CA ILE A 209 17.86 -11.27 -1.53
C ILE A 209 16.40 -10.81 -1.61
N VAL A 210 15.98 -10.34 -2.79
CA VAL A 210 14.62 -9.84 -2.94
C VAL A 210 13.60 -10.95 -2.68
N HIS A 211 13.87 -12.15 -3.19
CA HIS A 211 12.97 -13.28 -2.94
C HIS A 211 12.84 -13.54 -1.45
N VAL A 212 13.97 -13.59 -0.74
CA VAL A 212 13.93 -13.75 0.72
C VAL A 212 13.14 -12.60 1.34
N LEU A 213 13.39 -11.38 0.89
CA LEU A 213 12.68 -10.23 1.43
C LEU A 213 11.18 -10.31 1.17
N ARG A 214 10.80 -10.73 -0.04
CA ARG A 214 9.38 -10.75 -0.39
C ARG A 214 8.61 -11.73 0.48
N LEU A 215 9.22 -12.87 0.82
CA LEU A 215 8.56 -13.82 1.71
C LEU A 215 8.63 -13.36 3.16
N HIS A 216 9.77 -12.81 3.58
CA HIS A 216 9.88 -12.30 4.95
C HIS A 216 8.84 -11.22 5.21
N LEU A 217 8.64 -10.32 4.24
CA LEU A 217 7.65 -9.26 4.42
C LEU A 217 6.24 -9.84 4.54
N GLN A 218 5.92 -10.84 3.71
CA GLN A 218 4.60 -11.45 3.78
C GLN A 218 4.43 -12.25 5.07
N SER A 219 5.52 -12.72 5.66
CA SER A 219 5.43 -13.48 6.90
C SER A 219 5.36 -12.56 8.12
N ASN A 220 6.23 -11.54 8.17
CA ASN A 220 6.28 -10.68 9.35
C ASN A 220 5.17 -9.64 9.34
N HIS A 221 4.68 -9.24 8.18
CA HIS A 221 3.59 -8.27 8.05
C HIS A 221 2.53 -8.84 7.11
N PRO A 222 1.78 -9.85 7.56
CA PRO A 222 0.82 -10.51 6.66
C PRO A 222 -0.40 -9.66 6.33
N ASP A 223 -0.76 -8.69 7.17
CA ASP A 223 -1.93 -7.87 6.89
C ASP A 223 -1.67 -6.85 5.78
N ASP A 224 -0.48 -6.24 5.78
CA ASP A 224 -0.09 -5.31 4.73
C ASP A 224 0.28 -6.13 3.49
N ILE A 225 -0.76 -6.46 2.71
CA ILE A 225 -0.59 -7.37 1.57
C ILE A 225 0.48 -6.84 0.62
N PHE A 226 0.27 -5.62 0.11
CA PHE A 226 1.17 -5.03 -0.87
C PHE A 226 2.36 -4.32 -0.22
N LEU A 227 2.74 -4.70 1.00
CA LEU A 227 3.89 -4.07 1.63
C LEU A 227 5.14 -4.22 0.78
N PHE A 228 5.39 -5.43 0.27
CA PHE A 228 6.54 -5.64 -0.60
C PHE A 228 6.54 -4.70 -1.80
N PRO A 229 5.44 -4.58 -2.56
CA PRO A 229 5.43 -3.60 -3.66
C PRO A 229 5.69 -2.18 -3.19
N LYS A 230 5.06 -1.76 -2.10
CA LYS A 230 5.31 -0.42 -1.57
C LYS A 230 6.80 -0.17 -1.39
N LEU A 231 7.51 -1.13 -0.81
CA LEU A 231 8.95 -0.98 -0.59
C LEU A 231 9.69 -0.85 -1.91
N LEU A 232 9.29 -1.62 -2.92
CA LEU A 232 9.90 -1.47 -4.25
C LEU A 232 9.79 -0.03 -4.73
N GLN A 233 8.62 0.59 -4.56
CA GLN A 233 8.48 2.01 -4.84
C GLN A 233 9.47 2.82 -4.02
N LYS A 234 9.63 2.47 -2.74
CA LYS A 234 10.58 3.20 -1.89
C LYS A 234 12.00 3.10 -2.43
N MET A 235 12.41 1.92 -2.88
CA MET A 235 13.72 1.79 -3.52
C MET A 235 13.84 2.76 -4.69
N ALA A 236 12.82 2.81 -5.54
CA ALA A 236 12.82 3.78 -6.63
C ALA A 236 12.89 5.20 -6.08
N ASP A 237 12.09 5.50 -5.06
CA ASP A 237 12.11 6.83 -4.45
C ASP A 237 13.51 7.18 -3.94
N LEU A 238 14.12 6.27 -3.17
CA LEU A 238 15.45 6.53 -2.65
C LEU A 238 16.44 6.79 -3.78
N ARG A 239 16.40 5.97 -4.83
CA ARG A 239 17.27 6.20 -5.98
C ARG A 239 17.15 7.63 -6.48
N GLN A 240 15.92 8.16 -6.52
CA GLN A 240 15.71 9.55 -6.91
C GLN A 240 16.19 10.50 -5.82
N LEU A 241 15.98 10.15 -4.56
CA LEU A 241 16.37 11.03 -3.46
C LEU A 241 17.89 11.24 -3.45
N VAL A 242 18.65 10.17 -3.67
CA VAL A 242 20.11 10.30 -3.67
C VAL A 242 20.58 11.12 -4.86
N THR A 243 19.89 11.01 -6.00
CA THR A 243 20.27 11.80 -7.17
C THR A 243 20.19 13.29 -6.89
N GLU A 244 19.01 13.75 -6.45
CA GLU A 244 18.85 15.16 -6.08
C GLU A 244 19.88 15.58 -5.05
N HIS A 245 20.11 14.72 -4.05
CA HIS A 245 21.12 15.02 -3.03
C HIS A 245 22.49 15.22 -3.66
N ALA A 246 22.86 14.37 -4.62
CA ALA A 246 24.15 14.52 -5.28
C ALA A 246 24.24 15.84 -6.02
N GLN A 247 23.14 16.26 -6.66
CA GLN A 247 23.12 17.56 -7.31
C GLN A 247 23.27 18.69 -6.30
N LEU A 248 22.57 18.59 -5.17
CA LEU A 248 22.68 19.62 -4.14
C LEU A 248 24.07 19.64 -3.52
N VAL A 249 24.76 18.50 -3.50
CA VAL A 249 26.12 18.47 -2.98
C VAL A 249 27.07 19.19 -3.94
N GLN A 250 26.99 18.86 -5.23
CA GLN A 250 27.82 19.54 -6.22
C GLN A 250 27.48 21.02 -6.30
N ILE A 251 26.22 21.38 -6.04
CA ILE A 251 25.85 22.79 -6.02
C ILE A 251 26.58 23.51 -4.88
N ILE A 252 26.77 22.82 -3.76
CA ILE A 252 27.54 23.39 -2.66
C ILE A 252 29.03 23.44 -3.00
N LYS A 253 29.49 22.62 -3.95
CA LYS A 253 30.88 22.65 -4.36
C LYS A 253 31.18 23.83 -5.26
N LYS A 254 30.29 24.13 -6.21
CA LYS A 254 30.51 25.19 -7.17
C LYS A 254 30.34 26.60 -6.59
N THR A 255 29.90 26.72 -5.35
CA THR A 255 29.67 28.04 -4.76
C THR A 255 30.43 28.21 -3.46
N GLU A 256 30.01 27.47 -2.43
CA GLU A 256 30.62 27.61 -1.12
C GLU A 256 32.12 27.33 -1.19
N SER A 257 32.92 28.35 -0.90
CA SER A 257 34.37 28.24 -0.95
C SER A 257 35.01 27.86 0.38
N ASP A 258 34.23 27.84 1.46
CA ASP A 258 34.75 27.49 2.78
C ASP A 258 34.28 26.14 3.27
N ALA A 259 33.55 25.37 2.46
CA ALA A 259 33.07 24.04 2.84
C ALA A 259 33.83 23.02 2.00
N ALA A 260 34.71 22.27 2.66
CA ALA A 260 35.50 21.24 1.99
C ALA A 260 34.81 19.89 2.09
N LEU A 261 34.99 19.07 1.06
CA LEU A 261 34.37 17.76 1.00
C LEU A 261 35.32 16.70 1.54
N HIS A 262 34.78 15.80 2.36
CA HIS A 262 35.58 14.74 2.95
C HIS A 262 36.28 13.95 1.84
N PRO A 263 37.53 13.52 2.05
CA PRO A 263 38.22 12.76 0.98
C PRO A 263 37.46 11.53 0.54
N LEU A 264 37.03 10.68 1.47
CA LEU A 264 36.33 9.45 1.10
C LEU A 264 35.06 9.76 0.30
N LEU A 265 34.25 10.69 0.81
CA LEU A 265 33.00 11.00 0.13
C LEU A 265 33.24 11.58 -1.26
N GLN A 266 34.38 12.25 -1.46
CA GLN A 266 34.70 12.78 -2.78
C GLN A 266 34.68 11.67 -3.83
N GLU A 267 35.37 10.56 -3.55
CA GLU A 267 35.39 9.46 -4.50
C GLU A 267 33.99 8.93 -4.78
N ILE A 268 33.14 8.90 -3.75
CA ILE A 268 31.78 8.41 -3.94
C ILE A 268 31.01 9.33 -4.88
N TYR A 269 31.01 10.63 -4.58
CA TYR A 269 30.25 11.58 -5.38
C TYR A 269 30.86 11.83 -6.75
N ARG A 270 32.14 11.53 -6.93
CA ARG A 270 32.81 11.83 -8.19
C ARG A 270 32.11 11.13 -9.35
N ASP A 271 31.60 11.92 -10.30
CA ASP A 271 30.94 11.40 -11.48
C ASP A 271 29.85 10.39 -11.12
N MET A 272 29.13 10.67 -10.03
CA MET A 272 28.05 9.80 -9.60
C MET A 272 26.84 9.94 -10.50
N TYR A 273 26.13 11.06 -10.41
CA TYR A 273 25.00 11.33 -11.28
C TYR A 273 25.22 12.62 -12.07
N THR B 5 -41.55 -0.68 14.81
CA THR B 5 -41.91 -1.50 15.96
C THR B 5 -40.71 -2.26 16.51
N ALA B 6 -40.92 -2.96 17.63
CA ALA B 6 -39.82 -3.70 18.24
C ALA B 6 -39.35 -4.83 17.32
N ASP B 7 -40.28 -5.50 16.64
CA ASP B 7 -39.90 -6.59 15.76
C ASP B 7 -39.19 -6.08 14.51
N LEU B 8 -39.74 -5.03 13.89
CA LEU B 8 -39.11 -4.48 12.69
C LEU B 8 -37.67 -4.07 12.96
N LYS B 9 -37.42 -3.43 14.10
CA LYS B 9 -36.06 -3.03 14.44
C LYS B 9 -35.15 -4.24 14.57
N SER B 10 -35.67 -5.34 15.09
CA SER B 10 -34.87 -6.55 15.23
C SER B 10 -34.49 -7.13 13.88
N LEU B 11 -35.47 -7.32 13.01
CA LEU B 11 -35.19 -7.85 11.67
C LEU B 11 -34.11 -7.05 10.98
N ALA B 12 -34.13 -5.73 11.13
CA ALA B 12 -33.13 -4.89 10.49
C ALA B 12 -31.74 -5.12 11.09
N LYS B 13 -31.65 -5.10 12.43
CA LYS B 13 -30.36 -5.30 13.07
C LYS B 13 -29.81 -6.69 12.83
N ARG B 14 -30.68 -7.71 12.75
CA ARG B 14 -30.21 -9.05 12.42
C ARG B 14 -29.68 -9.12 11.00
N ILE B 15 -30.45 -8.59 10.04
CA ILE B 15 -29.94 -8.45 8.67
C ILE B 15 -28.62 -7.71 8.68
N TYR B 16 -28.56 -6.59 9.42
CA TYR B 16 -27.32 -5.85 9.55
C TYR B 16 -26.19 -6.73 10.05
N GLU B 17 -26.44 -7.48 11.12
CA GLU B 17 -25.40 -8.34 11.69
C GLU B 17 -24.91 -9.36 10.67
N ALA B 18 -25.83 -10.05 10.02
CA ALA B 18 -25.44 -11.00 8.97
C ALA B 18 -24.62 -10.29 7.90
N TYR B 19 -25.07 -9.10 7.48
CA TYR B 19 -24.32 -8.32 6.51
C TYR B 19 -22.88 -8.09 6.99
N LEU B 20 -22.71 -7.79 8.28
CA LEU B 20 -21.38 -7.51 8.80
C LEU B 20 -20.54 -8.78 8.93
N LYS B 21 -21.17 -9.89 9.33
CA LYS B 21 -20.42 -11.10 9.62
C LYS B 21 -20.12 -11.95 8.40
N ASN B 22 -20.70 -11.64 7.24
CA ASN B 22 -20.45 -12.39 6.03
C ASN B 22 -19.60 -11.64 5.01
N PHE B 23 -19.61 -10.31 5.02
CA PHE B 23 -18.85 -9.51 4.08
C PHE B 23 -17.63 -8.92 4.78
N ASN B 24 -16.45 -9.27 4.30
CA ASN B 24 -15.20 -8.83 4.95
C ASN B 24 -14.91 -7.35 4.73
N MET B 25 -15.59 -6.69 3.79
CA MET B 25 -15.36 -5.29 3.50
C MET B 25 -16.69 -4.57 3.48
N ASN B 26 -16.84 -3.57 4.35
CA ASN B 26 -18.05 -2.77 4.45
C ASN B 26 -17.74 -1.32 4.12
N LYS B 27 -18.76 -0.46 4.19
CA LYS B 27 -18.59 0.93 3.80
C LYS B 27 -17.88 1.75 4.86
N VAL B 28 -18.10 1.45 6.14
CA VAL B 28 -17.41 2.19 7.19
C VAL B 28 -15.92 1.88 7.16
N LYS B 29 -15.56 0.62 6.94
CA LYS B 29 -14.15 0.25 6.85
C LYS B 29 -13.51 0.89 5.62
N ALA B 30 -14.26 1.01 4.53
CA ALA B 30 -13.70 1.60 3.31
C ALA B 30 -13.54 3.11 3.44
N ARG B 31 -14.52 3.78 4.04
CA ARG B 31 -14.40 5.23 4.23
C ARG B 31 -13.15 5.57 5.02
N VAL B 32 -12.79 4.75 6.00
CA VAL B 32 -11.63 5.04 6.84
C VAL B 32 -10.35 4.96 6.02
N ILE B 33 -10.20 3.89 5.22
CA ILE B 33 -9.01 3.75 4.39
C ILE B 33 -8.94 4.90 3.39
N LEU B 34 -10.04 5.17 2.69
CA LEU B 34 -10.05 6.24 1.71
C LEU B 34 -9.83 7.60 2.36
N SER B 35 -10.35 7.80 3.57
CA SER B 35 -10.14 9.08 4.24
C SER B 35 -8.70 9.25 4.70
N GLY B 36 -8.01 8.14 4.99
CA GLY B 36 -6.69 8.24 5.57
C GLY B 36 -6.61 8.91 6.92
N LYS B 37 -7.74 9.16 7.57
CA LYS B 37 -7.76 9.84 8.86
C LYS B 37 -7.51 8.91 10.03
N ALA B 38 -7.20 7.63 9.78
CA ALA B 38 -6.94 6.67 10.84
C ALA B 38 -5.64 5.90 10.62
N SER B 39 -4.79 6.35 9.70
CA SER B 39 -3.53 5.68 9.41
C SER B 39 -2.76 6.40 8.31
N ASN B 40 -1.44 6.51 8.48
CA ASN B 40 -0.57 7.15 7.51
C ASN B 40 0.08 6.16 6.56
N ASN B 41 -0.51 4.97 6.40
CA ASN B 41 0.00 3.94 5.49
C ASN B 41 -1.04 3.68 4.43
N PRO B 42 -1.04 4.44 3.33
CA PRO B 42 -2.06 4.27 2.31
C PRO B 42 -1.87 2.96 1.56
N PRO B 43 -2.91 2.45 0.92
CA PRO B 43 -2.77 1.22 0.13
C PRO B 43 -1.94 1.47 -1.13
N PHE B 44 -1.36 0.40 -1.64
CA PHE B 44 -0.55 0.50 -2.86
C PHE B 44 -1.43 0.96 -4.02
N VAL B 45 -0.99 2.03 -4.68
CA VAL B 45 -1.76 2.64 -5.77
C VAL B 45 -1.31 2.05 -7.10
N ILE B 46 -2.25 1.46 -7.83
CA ILE B 46 -2.01 0.91 -9.15
C ILE B 46 -2.54 1.91 -10.17
N HIS B 47 -1.64 2.64 -10.83
CA HIS B 47 -2.02 3.71 -11.74
C HIS B 47 -1.47 3.53 -13.15
N ASP B 48 -0.66 2.51 -13.41
CA ASP B 48 -0.11 2.28 -14.73
C ASP B 48 0.32 0.82 -14.82
N MET B 49 0.83 0.45 -16.00
CA MET B 49 1.29 -0.93 -16.19
C MET B 49 2.45 -1.27 -15.27
N GLU B 50 3.31 -0.30 -14.97
CA GLU B 50 4.45 -0.56 -14.08
C GLU B 50 3.98 -0.96 -12.70
N THR B 51 3.14 -0.14 -12.07
CA THR B 51 2.65 -0.45 -10.73
C THR B 51 1.84 -1.74 -10.71
N LEU B 52 1.19 -2.08 -11.83
CA LEU B 52 0.44 -3.34 -11.89
C LEU B 52 1.37 -4.54 -11.76
N CYS B 53 2.44 -4.56 -12.54
CA CYS B 53 3.39 -5.67 -12.46
C CYS B 53 4.00 -5.76 -11.06
N MET B 54 4.21 -4.62 -10.40
CA MET B 54 4.67 -4.63 -9.01
C MET B 54 3.67 -5.37 -8.13
N ALA B 55 2.40 -4.94 -8.15
CA ALA B 55 1.39 -5.56 -7.31
C ALA B 55 1.22 -7.04 -7.65
N GLU B 56 1.43 -7.41 -8.91
CA GLU B 56 1.30 -8.82 -9.30
C GLU B 56 2.39 -9.68 -8.71
N LYS B 57 3.49 -9.08 -8.24
CA LYS B 57 4.55 -9.86 -7.59
C LYS B 57 4.09 -10.45 -6.26
N THR B 58 3.01 -9.94 -5.69
CA THR B 58 2.46 -10.51 -4.48
C THR B 58 1.74 -11.82 -4.74
N LEU B 59 1.31 -12.07 -5.97
CA LEU B 59 0.62 -13.28 -6.36
C LEU B 59 1.26 -13.89 -7.60
N VAL B 60 2.59 -13.85 -7.67
CA VAL B 60 3.29 -14.43 -8.81
C VAL B 60 3.05 -15.94 -8.86
N ALA B 61 2.99 -16.58 -7.70
CA ALA B 61 2.72 -18.01 -7.66
C ALA B 61 1.32 -18.32 -8.17
N LYS B 62 0.33 -17.59 -7.68
CA LYS B 62 -1.06 -17.79 -8.10
C LYS B 62 -1.32 -17.32 -9.52
N LEU B 63 -0.35 -16.67 -10.17
CA LEU B 63 -0.52 -16.27 -11.56
C LEU B 63 -0.17 -17.42 -12.51
N VAL B 64 1.07 -17.90 -12.44
CA VAL B 64 1.48 -19.00 -13.29
C VAL B 64 0.60 -20.22 -13.04
N ALA B 65 0.17 -20.42 -11.79
CA ALA B 65 -0.70 -21.54 -11.47
C ALA B 65 -1.96 -21.55 -12.33
N ASN B 66 -2.46 -20.37 -12.69
CA ASN B 66 -3.62 -20.26 -13.57
C ASN B 66 -3.24 -20.07 -15.02
N GLY B 67 -1.96 -20.28 -15.38
CA GLY B 67 -1.53 -20.19 -16.76
C GLY B 67 -1.75 -18.84 -17.40
N ILE B 68 -2.06 -17.82 -16.60
CA ILE B 68 -2.28 -16.47 -17.12
C ILE B 68 -1.05 -15.58 -16.97
N GLN B 69 -0.04 -16.01 -16.23
CA GLN B 69 1.15 -15.20 -16.01
C GLN B 69 1.91 -14.99 -17.32
N ASN B 70 1.29 -14.30 -18.27
CA ASN B 70 1.90 -14.05 -19.57
C ASN B 70 0.93 -13.33 -20.49
N LYS B 71 -0.36 -13.66 -20.36
CA LYS B 71 -1.38 -13.05 -21.20
C LYS B 71 -1.40 -11.53 -21.02
N GLU B 72 -2.18 -10.88 -21.88
CA GLU B 72 -2.30 -9.42 -21.81
C GLU B 72 -2.73 -8.99 -20.41
N ALA B 73 -2.30 -7.77 -20.03
CA ALA B 73 -2.67 -7.25 -18.72
C ALA B 73 -4.18 -7.23 -18.54
N GLU B 74 -4.91 -6.80 -19.57
CA GLU B 74 -6.37 -6.72 -19.47
C GLU B 74 -6.98 -8.05 -19.04
N VAL B 75 -6.34 -9.16 -19.39
CA VAL B 75 -6.85 -10.48 -18.99
C VAL B 75 -6.55 -10.75 -17.52
N ARG B 76 -5.30 -10.55 -17.11
CA ARG B 76 -4.91 -10.85 -15.74
C ARG B 76 -5.73 -10.04 -14.74
N ILE B 77 -5.91 -8.74 -15.01
CA ILE B 77 -6.68 -7.88 -14.11
C ILE B 77 -8.05 -8.49 -13.86
N PHE B 78 -8.82 -8.71 -14.92
CA PHE B 78 -10.14 -9.31 -14.81
C PHE B 78 -10.08 -10.81 -14.60
N HIS B 79 -8.91 -11.35 -14.30
CA HIS B 79 -8.79 -12.74 -13.85
C HIS B 79 -8.94 -12.82 -12.33
N CYS B 80 -8.04 -12.13 -11.59
CA CYS B 80 -8.22 -12.00 -10.16
C CYS B 80 -9.52 -11.29 -9.83
N CYS B 81 -9.98 -10.39 -10.71
CA CYS B 81 -11.25 -9.72 -10.50
C CYS B 81 -12.43 -10.69 -10.56
N GLN B 82 -12.26 -11.83 -11.23
CA GLN B 82 -13.33 -12.83 -11.27
C GLN B 82 -13.43 -13.59 -9.94
N CYS B 83 -12.28 -13.98 -9.37
CA CYS B 83 -12.30 -14.65 -8.08
C CYS B 83 -12.94 -13.77 -7.01
N THR B 84 -12.79 -12.45 -7.13
CA THR B 84 -13.45 -11.54 -6.20
C THR B 84 -14.97 -11.57 -6.36
N SER B 85 -15.46 -11.91 -7.54
CA SER B 85 -16.90 -12.06 -7.74
C SER B 85 -17.41 -13.38 -7.18
N VAL B 86 -16.69 -14.47 -7.44
CA VAL B 86 -17.06 -15.76 -6.84
C VAL B 86 -17.07 -15.64 -5.33
N GLU B 87 -16.01 -15.05 -4.75
CA GLU B 87 -15.95 -14.88 -3.31
C GLU B 87 -17.16 -14.12 -2.79
N THR B 88 -17.57 -13.07 -3.50
CA THR B 88 -18.75 -12.32 -3.09
C THR B 88 -20.02 -13.15 -3.27
N VAL B 89 -20.12 -13.89 -4.37
CA VAL B 89 -21.29 -14.74 -4.59
C VAL B 89 -21.42 -15.75 -3.46
N THR B 90 -20.30 -16.30 -3.00
CA THR B 90 -20.32 -17.21 -1.85
C THR B 90 -20.87 -16.50 -0.62
N GLU B 91 -20.33 -15.32 -0.31
CA GLU B 91 -20.74 -14.60 0.89
C GLU B 91 -22.21 -14.19 0.81
N LEU B 92 -22.65 -13.76 -0.38
CA LEU B 92 -24.06 -13.41 -0.55
C LEU B 92 -24.96 -14.60 -0.24
N THR B 93 -24.59 -15.79 -0.73
CA THR B 93 -25.39 -16.97 -0.46
C THR B 93 -25.56 -17.21 1.03
N GLU B 94 -24.45 -17.18 1.78
CA GLU B 94 -24.53 -17.35 3.22
C GLU B 94 -25.33 -16.22 3.86
N PHE B 95 -25.20 -15.00 3.33
CA PHE B 95 -25.99 -13.89 3.84
C PHE B 95 -27.48 -14.12 3.66
N ALA B 96 -27.87 -14.80 2.58
CA ALA B 96 -29.29 -15.03 2.32
C ALA B 96 -29.94 -15.89 3.40
N LYS B 97 -29.15 -16.58 4.22
CA LYS B 97 -29.72 -17.40 5.28
C LYS B 97 -30.51 -16.56 6.28
N ALA B 98 -29.97 -15.39 6.65
CA ALA B 98 -30.61 -14.56 7.66
C ALA B 98 -31.94 -13.97 7.19
N ILE B 99 -32.19 -13.96 5.89
CA ILE B 99 -33.45 -13.44 5.36
C ILE B 99 -34.59 -14.33 5.84
N PRO B 100 -35.59 -13.77 6.54
CA PRO B 100 -36.69 -14.61 7.05
C PRO B 100 -37.43 -15.31 5.92
N GLY B 101 -37.45 -16.64 5.98
CA GLY B 101 -38.17 -17.45 5.02
C GLY B 101 -37.38 -17.86 3.80
N PHE B 102 -36.20 -17.29 3.57
CA PHE B 102 -35.42 -17.63 2.39
C PHE B 102 -35.02 -19.10 2.41
N ALA B 103 -34.41 -19.56 3.52
CA ALA B 103 -34.02 -20.96 3.63
C ALA B 103 -35.21 -21.88 3.43
N ASN B 104 -36.40 -21.45 3.84
CA ASN B 104 -37.61 -22.27 3.70
C ASN B 104 -38.13 -22.30 2.27
N LEU B 105 -37.58 -21.49 1.37
CA LEU B 105 -38.02 -21.49 -0.01
C LEU B 105 -37.56 -22.77 -0.72
N ASP B 106 -38.14 -23.02 -1.88
CA ASP B 106 -37.71 -24.14 -2.71
C ASP B 106 -36.24 -23.98 -3.08
N LEU B 107 -35.54 -25.12 -3.17
CA LEU B 107 -34.13 -25.08 -3.52
C LEU B 107 -33.92 -24.46 -4.89
N ASN B 108 -34.85 -24.66 -5.82
CA ASN B 108 -34.71 -24.11 -7.16
C ASN B 108 -35.08 -22.63 -7.23
N ASP B 109 -35.97 -22.17 -6.34
CA ASP B 109 -36.25 -20.75 -6.27
C ASP B 109 -35.10 -19.98 -5.66
N GLN B 110 -34.41 -20.58 -4.69
CA GLN B 110 -33.24 -19.94 -4.11
C GLN B 110 -32.14 -19.72 -5.15
N VAL B 111 -31.84 -20.76 -5.92
CA VAL B 111 -30.81 -20.63 -6.96
C VAL B 111 -31.25 -19.64 -8.03
N THR B 112 -32.56 -19.54 -8.28
CA THR B 112 -33.04 -18.58 -9.26
C THR B 112 -32.91 -17.15 -8.73
N LEU B 113 -33.28 -16.93 -7.46
CA LEU B 113 -33.15 -15.60 -6.88
C LEU B 113 -31.69 -15.14 -6.86
N LEU B 114 -30.79 -16.00 -6.38
CA LEU B 114 -29.38 -15.66 -6.36
C LEU B 114 -28.78 -15.56 -7.76
N LYS B 115 -29.41 -16.19 -8.75
CA LYS B 115 -28.91 -16.12 -10.12
C LYS B 115 -29.00 -14.69 -10.65
N TYR B 116 -30.18 -14.08 -10.54
CA TYR B 116 -30.44 -12.76 -11.08
C TYR B 116 -30.19 -11.64 -10.08
N GLY B 117 -29.68 -11.97 -8.89
CA GLY B 117 -29.56 -10.96 -7.85
C GLY B 117 -28.14 -10.68 -7.38
N VAL B 118 -27.27 -11.68 -7.46
CA VAL B 118 -25.90 -11.53 -6.94
C VAL B 118 -25.23 -10.31 -7.54
N TYR B 119 -25.18 -10.24 -8.88
CA TYR B 119 -24.44 -9.18 -9.53
C TYR B 119 -25.11 -7.82 -9.34
N GLU B 120 -26.44 -7.79 -9.22
CA GLU B 120 -27.09 -6.53 -8.88
C GLU B 120 -26.64 -6.05 -7.51
N ALA B 121 -26.42 -6.98 -6.57
CA ALA B 121 -25.90 -6.61 -5.27
C ALA B 121 -24.40 -6.33 -5.32
N ILE B 122 -23.65 -7.16 -6.05
CA ILE B 122 -22.21 -6.96 -6.18
C ILE B 122 -21.91 -5.51 -6.57
N PHE B 123 -22.57 -5.04 -7.62
CA PHE B 123 -22.34 -3.68 -8.10
C PHE B 123 -22.84 -2.64 -7.10
N ALA B 124 -23.87 -2.97 -6.32
CA ALA B 124 -24.34 -2.06 -5.29
C ALA B 124 -23.27 -1.86 -4.22
N MET B 125 -22.82 -2.96 -3.60
CA MET B 125 -21.81 -2.85 -2.55
C MET B 125 -20.49 -2.35 -3.12
N LEU B 126 -20.17 -2.71 -4.36
CA LEU B 126 -18.94 -2.21 -4.98
C LEU B 126 -18.83 -0.71 -4.88
N SER B 127 -19.97 0.00 -4.82
CA SER B 127 -19.94 1.44 -4.61
C SER B 127 -19.25 1.79 -3.31
N SER B 128 -19.46 0.99 -2.26
CA SER B 128 -18.94 1.32 -0.94
C SER B 128 -17.43 1.57 -0.96
N VAL B 129 -16.72 0.93 -1.88
CA VAL B 129 -15.26 1.02 -1.91
C VAL B 129 -14.80 1.78 -3.15
N MET B 130 -15.55 2.82 -3.52
CA MET B 130 -15.25 3.59 -4.71
C MET B 130 -15.27 5.09 -4.40
N ASN B 131 -14.53 5.83 -5.22
CA ASN B 131 -14.60 7.28 -5.26
C ASN B 131 -14.47 7.71 -6.72
N LYS B 132 -14.54 9.02 -6.96
CA LYS B 132 -14.48 9.51 -8.33
C LYS B 132 -13.14 9.21 -9.01
N ASP B 133 -12.17 8.66 -8.28
CA ASP B 133 -10.83 8.45 -8.81
C ASP B 133 -10.43 6.98 -8.91
N GLY B 134 -11.00 6.10 -8.11
CA GLY B 134 -10.64 4.69 -8.17
C GLY B 134 -11.42 3.89 -7.17
N MET B 135 -10.98 2.65 -6.96
CA MET B 135 -11.66 1.74 -6.03
C MET B 135 -10.62 0.93 -5.26
N LEU B 136 -11.05 0.46 -4.09
CA LEU B 136 -10.18 -0.34 -3.24
C LEU B 136 -10.17 -1.79 -3.70
N VAL B 137 -9.02 -2.43 -3.52
CA VAL B 137 -8.81 -3.80 -3.97
C VAL B 137 -7.98 -4.55 -2.93
N ALA B 138 -8.00 -5.88 -3.03
CA ALA B 138 -7.23 -6.75 -2.15
C ALA B 138 -7.53 -6.44 -0.68
N TYR B 139 -8.82 -6.54 -0.34
CA TYR B 139 -9.28 -6.31 1.03
C TYR B 139 -8.85 -4.94 1.54
N GLY B 140 -8.72 -3.98 0.63
CA GLY B 140 -8.36 -2.63 1.00
C GLY B 140 -6.88 -2.31 0.97
N ASN B 141 -6.03 -3.31 0.78
CA ASN B 141 -4.58 -3.08 0.74
C ASN B 141 -4.12 -2.45 -0.57
N GLY B 142 -5.02 -2.26 -1.54
CA GLY B 142 -4.65 -1.67 -2.79
C GLY B 142 -5.72 -0.70 -3.27
N PHE B 143 -5.36 0.07 -4.30
CA PHE B 143 -6.27 1.06 -4.88
C PHE B 143 -5.97 1.16 -6.37
N ILE B 144 -6.91 0.72 -7.20
CA ILE B 144 -6.78 0.76 -8.64
C ILE B 144 -7.49 2.01 -9.15
N THR B 145 -6.79 2.80 -9.97
CA THR B 145 -7.31 4.09 -10.38
C THR B 145 -8.39 3.95 -11.44
N ARG B 146 -9.31 4.92 -11.45
CA ARG B 146 -10.38 4.92 -12.44
C ARG B 146 -9.85 5.17 -13.84
N GLU B 147 -8.86 6.07 -13.97
CA GLU B 147 -8.31 6.38 -15.27
C GLU B 147 -7.60 5.17 -15.88
N PHE B 148 -6.76 4.49 -15.09
CA PHE B 148 -6.03 3.34 -15.60
C PHE B 148 -6.97 2.27 -16.15
N LEU B 149 -8.14 2.13 -15.55
CA LEU B 149 -9.12 1.17 -16.07
C LEU B 149 -9.68 1.63 -17.42
N LYS B 150 -9.80 2.93 -17.62
CA LYS B 150 -10.25 3.45 -18.91
C LYS B 150 -9.15 3.36 -19.96
N SER B 151 -7.89 3.45 -19.55
CA SER B 151 -6.78 3.43 -20.51
C SER B 151 -6.59 2.06 -21.15
N LEU B 152 -7.17 1.01 -20.59
CA LEU B 152 -7.05 -0.30 -21.17
C LEU B 152 -7.63 -0.31 -22.60
N ARG B 153 -7.17 -1.26 -23.40
CA ARG B 153 -7.71 -1.42 -24.74
C ARG B 153 -9.12 -1.97 -24.67
N LYS B 154 -9.92 -1.66 -25.69
CA LYS B 154 -11.27 -2.19 -25.75
C LYS B 154 -11.23 -3.71 -25.89
N PRO B 155 -12.28 -4.42 -25.46
CA PRO B 155 -13.45 -3.79 -24.84
C PRO B 155 -13.31 -3.66 -23.32
N PHE B 156 -12.17 -4.06 -22.79
CA PHE B 156 -11.99 -4.10 -21.34
C PHE B 156 -12.16 -2.71 -20.72
N CYS B 157 -11.69 -1.66 -21.40
CA CYS B 157 -11.80 -0.32 -20.85
C CYS B 157 -13.25 0.09 -20.61
N ASP B 158 -14.21 -0.63 -21.21
CA ASP B 158 -15.63 -0.34 -21.02
C ASP B 158 -16.31 -1.33 -20.09
N ILE B 159 -15.57 -1.85 -19.10
CA ILE B 159 -16.10 -2.84 -18.17
C ILE B 159 -16.43 -2.21 -16.81
N MET B 160 -15.50 -1.44 -16.26
CA MET B 160 -15.66 -0.87 -14.93
C MET B 160 -16.20 0.56 -14.95
N GLU B 161 -15.92 1.33 -15.99
CA GLU B 161 -16.39 2.72 -16.02
C GLU B 161 -17.90 2.83 -15.84
N PRO B 162 -18.74 1.99 -16.45
CA PRO B 162 -20.18 2.05 -16.14
C PRO B 162 -20.48 1.89 -14.66
N LYS B 163 -19.78 0.97 -13.99
CA LYS B 163 -19.99 0.80 -12.55
C LYS B 163 -19.58 2.05 -11.79
N PHE B 164 -18.44 2.65 -12.14
CA PHE B 164 -18.03 3.90 -11.52
C PHE B 164 -19.12 4.97 -11.67
N ASP B 165 -19.76 5.02 -12.83
CA ASP B 165 -20.83 5.99 -13.05
C ASP B 165 -21.97 5.78 -12.05
N PHE B 166 -22.35 4.52 -11.82
CA PHE B 166 -23.43 4.24 -10.88
C PHE B 166 -23.04 4.64 -9.47
N ALA B 167 -21.84 4.23 -9.03
CA ALA B 167 -21.46 4.42 -7.63
C ALA B 167 -21.48 5.89 -7.24
N MET B 168 -21.06 6.78 -8.14
CA MET B 168 -21.00 8.19 -7.80
C MET B 168 -22.37 8.73 -7.41
N LYS B 169 -23.37 8.50 -8.24
CA LYS B 169 -24.72 8.91 -7.90
C LYS B 169 -25.24 8.15 -6.69
N PHE B 170 -24.93 6.86 -6.61
CA PHE B 170 -25.43 6.04 -5.51
C PHE B 170 -24.84 6.49 -4.18
N ASN B 171 -23.53 6.73 -4.14
CA ASN B 171 -22.91 7.21 -2.91
C ASN B 171 -23.49 8.55 -2.46
N ALA B 172 -23.88 9.40 -3.41
CA ALA B 172 -24.47 10.69 -3.06
C ALA B 172 -25.64 10.53 -2.10
N LEU B 173 -26.35 9.39 -2.17
CA LEU B 173 -27.41 9.11 -1.23
C LEU B 173 -26.90 8.97 0.20
N GLU B 174 -25.59 8.82 0.40
CA GLU B 174 -24.99 8.77 1.72
C GLU B 174 -25.61 7.67 2.57
N LEU B 175 -25.77 6.49 1.98
CA LEU B 175 -26.21 5.33 2.73
C LEU B 175 -25.09 4.81 3.62
N ASP B 176 -25.49 4.12 4.69
CA ASP B 176 -24.56 3.44 5.57
C ASP B 176 -24.80 1.94 5.50
N ASP B 177 -23.98 1.18 6.23
CA ASP B 177 -24.11 -0.28 6.19
C ASP B 177 -25.47 -0.74 6.68
N SER B 178 -26.07 -0.02 7.62
CA SER B 178 -27.41 -0.39 8.08
C SER B 178 -28.41 -0.30 6.94
N ASP B 179 -28.33 0.76 6.13
CA ASP B 179 -29.20 0.89 4.98
C ASP B 179 -28.89 -0.16 3.92
N ILE B 180 -27.60 -0.28 3.55
CA ILE B 180 -27.22 -1.17 2.46
C ILE B 180 -27.62 -2.60 2.76
N SER B 181 -27.43 -3.04 4.01
CA SER B 181 -27.79 -4.40 4.37
C SER B 181 -29.23 -4.72 3.98
N LEU B 182 -30.17 -3.84 4.35
CA LEU B 182 -31.55 -4.04 3.96
C LEU B 182 -31.73 -3.85 2.45
N PHE B 183 -30.98 -2.91 1.86
CA PHE B 183 -31.08 -2.69 0.42
C PHE B 183 -30.62 -3.92 -0.36
N VAL B 184 -29.62 -4.65 0.16
CA VAL B 184 -29.17 -5.86 -0.51
C VAL B 184 -30.18 -6.98 -0.34
N ALA B 185 -30.77 -7.09 0.85
CA ALA B 185 -31.79 -8.11 1.09
C ALA B 185 -32.93 -8.00 0.08
N ALA B 186 -33.35 -6.77 -0.23
CA ALA B 186 -34.46 -6.57 -1.14
C ALA B 186 -34.09 -6.90 -2.58
N ILE B 187 -32.81 -6.69 -2.95
CA ILE B 187 -32.38 -7.03 -4.30
C ILE B 187 -32.50 -8.53 -4.53
N ILE B 188 -32.39 -9.32 -3.46
CA ILE B 188 -32.47 -10.78 -3.60
C ILE B 188 -33.92 -11.24 -3.65
N CYS B 189 -34.79 -10.60 -2.88
CA CYS B 189 -36.21 -10.97 -2.81
C CYS B 189 -37.05 -10.29 -3.87
N CYS B 190 -36.52 -10.11 -5.08
CA CYS B 190 -37.28 -9.50 -6.17
C CYS B 190 -38.14 -10.59 -6.80
N GLY B 191 -39.46 -10.42 -6.70
CA GLY B 191 -40.38 -11.49 -7.08
C GLY B 191 -40.61 -11.65 -8.57
N ASP B 192 -40.01 -10.79 -9.40
CA ASP B 192 -40.20 -10.87 -10.84
C ASP B 192 -38.96 -11.42 -11.52
N ARG B 193 -38.41 -12.51 -10.97
CA ARG B 193 -37.23 -13.15 -11.57
C ARG B 193 -37.67 -14.26 -12.52
N PRO B 194 -37.17 -14.27 -13.76
CA PRO B 194 -37.56 -15.33 -14.70
C PRO B 194 -37.25 -16.71 -14.14
N GLY B 195 -38.20 -17.63 -14.32
CA GLY B 195 -38.03 -19.00 -13.90
C GLY B 195 -38.46 -19.31 -12.48
N LEU B 196 -39.16 -18.39 -11.82
CA LEU B 196 -39.60 -18.63 -10.45
C LEU B 196 -40.77 -19.60 -10.42
N LEU B 197 -40.95 -20.24 -9.27
CA LEU B 197 -42.03 -21.21 -9.08
C LEU B 197 -43.07 -20.68 -8.11
N ASN B 198 -42.75 -20.59 -6.82
CA ASN B 198 -43.71 -20.13 -5.81
C ASN B 198 -43.64 -18.60 -5.71
N VAL B 199 -44.20 -17.95 -6.73
CA VAL B 199 -44.17 -16.49 -6.80
C VAL B 199 -44.85 -15.88 -5.58
N GLY B 200 -45.85 -16.57 -5.02
CA GLY B 200 -46.57 -16.00 -3.89
C GLY B 200 -45.70 -15.88 -2.64
N HIS B 201 -45.01 -16.97 -2.29
CA HIS B 201 -44.17 -16.94 -1.09
C HIS B 201 -43.10 -15.86 -1.19
N ILE B 202 -42.48 -15.72 -2.36
CA ILE B 202 -41.44 -14.71 -2.54
C ILE B 202 -42.02 -13.32 -2.37
N GLU B 203 -43.12 -13.02 -3.06
CA GLU B 203 -43.75 -11.71 -2.93
C GLU B 203 -44.05 -11.39 -1.47
N LYS B 204 -44.58 -12.36 -0.73
CA LYS B 204 -44.78 -12.17 0.70
C LYS B 204 -43.45 -11.93 1.41
N MET B 205 -42.43 -12.70 1.05
CA MET B 205 -41.12 -12.52 1.67
C MET B 205 -40.53 -11.17 1.33
N GLN B 206 -40.78 -10.68 0.11
CA GLN B 206 -40.25 -9.38 -0.29
C GLN B 206 -40.91 -8.26 0.49
N GLU B 207 -42.25 -8.26 0.54
CA GLU B 207 -42.98 -7.21 1.25
C GLU B 207 -42.38 -6.96 2.63
N GLY B 208 -42.13 -8.04 3.38
CA GLY B 208 -41.55 -7.88 4.71
C GLY B 208 -40.23 -7.14 4.68
N ILE B 209 -39.41 -7.40 3.65
CA ILE B 209 -38.13 -6.74 3.54
C ILE B 209 -38.30 -5.31 3.03
N VAL B 210 -39.05 -5.15 1.94
CA VAL B 210 -39.25 -3.82 1.37
C VAL B 210 -39.96 -2.91 2.37
N HIS B 211 -40.82 -3.47 3.22
CA HIS B 211 -41.49 -2.67 4.24
C HIS B 211 -40.50 -2.18 5.29
N VAL B 212 -39.72 -3.10 5.87
CA VAL B 212 -38.76 -2.70 6.90
C VAL B 212 -37.74 -1.73 6.33
N LEU B 213 -37.34 -1.92 5.07
CA LEU B 213 -36.43 -0.97 4.44
C LEU B 213 -37.01 0.43 4.44
N ARG B 214 -38.26 0.57 4.03
CA ARG B 214 -38.90 1.88 3.98
C ARG B 214 -38.87 2.55 5.35
N LEU B 215 -39.36 1.85 6.38
CA LEU B 215 -39.43 2.45 7.70
C LEU B 215 -38.05 2.80 8.23
N HIS B 216 -37.05 1.95 7.95
CA HIS B 216 -35.69 2.25 8.37
C HIS B 216 -35.19 3.51 7.68
N LEU B 217 -35.19 3.53 6.35
CA LEU B 217 -34.81 4.73 5.61
C LEU B 217 -35.62 5.93 6.08
N GLN B 218 -36.88 5.72 6.45
CA GLN B 218 -37.68 6.81 7.01
C GLN B 218 -37.09 7.29 8.33
N SER B 219 -36.52 6.37 9.11
CA SER B 219 -35.96 6.70 10.42
C SER B 219 -34.51 7.17 10.32
N ASN B 220 -33.65 6.35 9.71
CA ASN B 220 -32.23 6.66 9.68
C ASN B 220 -31.92 7.86 8.80
N HIS B 221 -32.77 8.17 7.82
CA HIS B 221 -32.60 9.33 6.95
C HIS B 221 -33.95 10.05 6.85
N PRO B 222 -34.33 10.80 7.89
CA PRO B 222 -35.64 11.46 7.85
C PRO B 222 -35.68 12.67 6.94
N ASP B 223 -34.55 13.39 6.85
CA ASP B 223 -34.52 14.59 6.03
C ASP B 223 -34.64 14.27 4.54
N ASP B 224 -34.23 13.07 4.13
CA ASP B 224 -34.35 12.66 2.73
C ASP B 224 -35.69 11.97 2.57
N ILE B 225 -36.73 12.77 2.30
CA ILE B 225 -38.10 12.27 2.31
C ILE B 225 -38.25 11.10 1.34
N PHE B 226 -37.97 11.35 0.06
CA PHE B 226 -38.12 10.33 -0.98
C PHE B 226 -36.87 9.48 -1.16
N LEU B 227 -36.13 9.22 -0.09
CA LEU B 227 -34.97 8.34 -0.19
C LEU B 227 -35.40 6.93 -0.58
N PHE B 228 -36.48 6.45 0.00
CA PHE B 228 -37.04 5.16 -0.42
C PHE B 228 -37.29 5.13 -1.92
N PRO B 229 -38.14 6.00 -2.50
CA PRO B 229 -38.34 5.94 -3.96
C PRO B 229 -37.05 6.04 -4.76
N LYS B 230 -36.13 6.94 -4.35
CA LYS B 230 -34.84 7.03 -5.03
C LYS B 230 -34.16 5.67 -5.09
N LEU B 231 -34.15 4.94 -3.97
CA LEU B 231 -33.51 3.63 -3.95
C LEU B 231 -34.25 2.63 -4.84
N LEU B 232 -35.58 2.62 -4.75
CA LEU B 232 -36.35 1.78 -5.68
C LEU B 232 -35.94 2.04 -7.12
N GLN B 233 -35.72 3.31 -7.46
CA GLN B 233 -35.20 3.64 -8.78
C GLN B 233 -33.84 3.01 -9.01
N LYS B 234 -32.96 3.07 -8.00
CA LYS B 234 -31.61 2.52 -8.16
C LYS B 234 -31.66 1.02 -8.44
N MET B 235 -32.57 0.31 -7.78
CA MET B 235 -32.71 -1.12 -8.05
C MET B 235 -32.97 -1.37 -9.53
N ALA B 236 -33.83 -0.56 -10.14
CA ALA B 236 -34.08 -0.70 -11.57
C ALA B 236 -32.82 -0.44 -12.38
N ASP B 237 -32.08 0.61 -12.03
CA ASP B 237 -30.84 0.90 -12.75
C ASP B 237 -29.83 -0.21 -12.59
N LEU B 238 -29.78 -0.84 -11.41
CA LEU B 238 -28.87 -1.96 -11.20
C LEU B 238 -29.21 -3.12 -12.14
N ARG B 239 -30.50 -3.46 -12.24
CA ARG B 239 -30.92 -4.48 -13.19
C ARG B 239 -30.52 -4.10 -14.61
N GLN B 240 -30.68 -2.82 -14.96
CA GLN B 240 -30.26 -2.35 -16.27
C GLN B 240 -28.75 -2.50 -16.44
N LEU B 241 -27.99 -2.10 -15.43
CA LEU B 241 -26.53 -2.22 -15.51
C LEU B 241 -26.12 -3.69 -15.59
N VAL B 242 -26.76 -4.55 -14.81
CA VAL B 242 -26.46 -5.98 -14.88
C VAL B 242 -26.79 -6.53 -16.26
N THR B 243 -27.91 -6.09 -16.83
CA THR B 243 -28.25 -6.50 -18.20
C THR B 243 -27.15 -6.12 -19.18
N GLU B 244 -26.74 -4.84 -19.15
CA GLU B 244 -25.67 -4.39 -20.02
C GLU B 244 -24.38 -5.16 -19.75
N HIS B 245 -24.05 -5.36 -18.47
CA HIS B 245 -22.84 -6.10 -18.13
C HIS B 245 -22.88 -7.50 -18.71
N ALA B 246 -23.97 -8.24 -18.45
CA ALA B 246 -24.09 -9.60 -18.96
C ALA B 246 -23.93 -9.64 -20.47
N GLN B 247 -24.48 -8.63 -21.17
CA GLN B 247 -24.28 -8.56 -22.61
C GLN B 247 -22.83 -8.25 -22.96
N LEU B 248 -22.16 -7.44 -22.14
CA LEU B 248 -20.74 -7.18 -22.34
C LEU B 248 -19.86 -8.33 -21.92
N VAL B 249 -20.40 -9.28 -21.14
CA VAL B 249 -19.65 -10.48 -20.80
C VAL B 249 -19.63 -11.46 -21.95
N GLN B 250 -20.80 -11.71 -22.55
CA GLN B 250 -20.87 -12.61 -23.69
C GLN B 250 -20.00 -12.12 -24.84
N ILE B 251 -20.05 -10.83 -25.14
CA ILE B 251 -19.25 -10.28 -26.23
C ILE B 251 -17.77 -10.58 -26.01
N ILE B 252 -17.31 -10.50 -24.76
CA ILE B 252 -15.92 -10.81 -24.45
C ILE B 252 -15.62 -12.27 -24.76
N LYS B 253 -16.57 -13.16 -24.48
CA LYS B 253 -16.37 -14.58 -24.80
C LYS B 253 -16.14 -14.77 -26.29
N LYS B 254 -16.88 -14.06 -27.12
CA LYS B 254 -16.78 -14.20 -28.58
C LYS B 254 -15.97 -13.04 -29.17
N THR B 255 -14.70 -12.96 -28.76
CA THR B 255 -13.82 -11.92 -29.29
C THR B 255 -12.40 -12.10 -28.79
N GLU B 256 -12.24 -12.57 -27.55
CA GLU B 256 -10.93 -12.67 -26.91
C GLU B 256 -10.64 -14.14 -26.63
N SER B 257 -9.65 -14.69 -27.33
CA SER B 257 -9.12 -16.04 -27.14
C SER B 257 -10.15 -16.97 -26.48
N ASP B 258 -10.29 -16.86 -25.17
CA ASP B 258 -11.24 -17.66 -24.41
C ASP B 258 -11.37 -17.14 -22.99
N ALA B 259 -10.23 -16.84 -22.35
CA ALA B 259 -10.22 -16.26 -21.01
C ALA B 259 -10.87 -17.18 -19.98
N ALA B 260 -11.52 -18.25 -20.44
CA ALA B 260 -11.91 -19.38 -19.62
C ALA B 260 -12.91 -19.01 -18.52
N LEU B 261 -13.81 -18.06 -18.80
CA LEU B 261 -14.85 -17.63 -17.87
C LEU B 261 -15.07 -18.61 -16.73
N HIS B 262 -14.75 -18.19 -15.50
CA HIS B 262 -14.77 -19.05 -14.32
C HIS B 262 -15.97 -19.99 -14.35
N PRO B 263 -15.79 -21.26 -13.99
CA PRO B 263 -16.93 -22.20 -14.06
C PRO B 263 -18.12 -21.74 -13.24
N LEU B 264 -17.89 -21.27 -12.02
CA LEU B 264 -18.99 -20.82 -11.17
C LEU B 264 -19.75 -19.67 -11.82
N LEU B 265 -19.02 -18.72 -12.41
CA LEU B 265 -19.67 -17.59 -13.05
C LEU B 265 -20.33 -17.97 -14.36
N GLN B 266 -19.74 -18.91 -15.10
CA GLN B 266 -20.35 -19.35 -16.36
C GLN B 266 -21.75 -19.91 -16.14
N GLU B 267 -21.94 -20.65 -15.03
CA GLU B 267 -23.26 -21.18 -14.72
C GLU B 267 -24.27 -20.06 -14.48
N ILE B 268 -23.82 -18.92 -13.95
CA ILE B 268 -24.74 -17.83 -13.66
C ILE B 268 -25.15 -17.12 -14.94
N TYR B 269 -24.18 -16.76 -15.79
CA TYR B 269 -24.49 -16.10 -17.04
C TYR B 269 -25.19 -17.01 -18.04
N ARG B 270 -25.20 -18.33 -17.81
CA ARG B 270 -25.85 -19.26 -18.71
C ARG B 270 -27.36 -19.06 -18.66
N ASP B 271 -27.96 -18.76 -19.82
CA ASP B 271 -29.40 -18.56 -19.93
C ASP B 271 -29.87 -17.45 -18.97
N MET B 272 -29.25 -16.27 -19.10
CA MET B 272 -29.61 -15.14 -18.26
C MET B 272 -30.43 -14.13 -19.04
N TYR B 273 -29.77 -13.16 -19.66
CA TYR B 273 -30.46 -12.14 -20.46
C TYR B 273 -30.13 -12.30 -21.94
#